data_2O4N
#
_entry.id   2O4N
#
_cell.length_a   59.076
_cell.length_b   86.487
_cell.length_c   46.439
_cell.angle_alpha   90.00
_cell.angle_beta   90.00
_cell.angle_gamma   90.00
#
_symmetry.space_group_name_H-M   'P 21 21 2'
#
loop_
_entity.id
_entity.type
_entity.pdbx_description
1 polymer protease
2 non-polymer N-(3-{(1R)-1-[(6R)-4-HYDROXY-2-OXO-6-PHENETHYL-6-PROPYL-5,6-DIHYDRO-2H-PYRAN-3-YL]PROPYL}PHENYL)-5-(TRIFLUOROMETHYL)-2-PYRIDINESULFONAMIDE
3 non-polymer GLYCEROL
4 water water
#
_entity_poly.entity_id   1
_entity_poly.type   'polypeptide(L)'
_entity_poly.pdbx_seq_one_letter_code
;PQITLWKRPLVTVKIGGQLKEALLDTGADDTIFEEMSLPGRWKPIMIGGIGGFIKVRQYDQILIEICGHKAIGTVLVGPT
PLNVIGRNLLTQIGCTLNF
;
_entity_poly.pdbx_strand_id   A,B
#
loop_
_chem_comp.id
_chem_comp.type
_chem_comp.name
_chem_comp.formula
GOL non-polymer GLYCEROL 'C3 H8 O3'
TPV non-polymer N-(3-{(1R)-1-[(6R)-4-HYDROXY-2-OXO-6-PHENETHYL-6-PROPYL-5,6-DIHYDRO-2H-PYRAN-3-YL]PROPYL}PHENYL)-5-(TRIFLUOROMETHYL)-2-PYRIDINESULFONAMIDE 'C31 H33 F3 N2 O5 S'
#
# COMPACT_ATOMS: atom_id res chain seq x y z
N PRO A 1 -10.93 11.55 9.59
CA PRO A 1 -11.66 10.49 10.29
C PRO A 1 -10.73 9.41 10.83
N GLN A 2 -11.30 8.40 11.51
CA GLN A 2 -10.59 7.20 11.88
C GLN A 2 -11.11 6.06 11.01
N ILE A 3 -10.20 5.43 10.22
CA ILE A 3 -10.58 4.42 9.22
C ILE A 3 -10.04 3.04 9.61
N THR A 4 -10.95 2.09 9.85
CA THR A 4 -10.59 0.69 10.09
C THR A 4 -10.16 0.01 8.79
N LEU A 5 -9.51 -1.15 8.91
CA LEU A 5 -8.90 -1.80 7.78
C LEU A 5 -9.51 -3.16 7.48
N TRP A 6 -10.73 -3.37 7.95
CA TRP A 6 -11.47 -4.60 7.66
C TRP A 6 -11.70 -4.73 6.15
N LYS A 7 -11.94 -3.59 5.49
CA LYS A 7 -12.11 -3.50 4.04
C LYS A 7 -11.06 -2.54 3.44
N ARG A 8 -11.00 -2.48 2.10
CA ARG A 8 -10.04 -1.55 1.46
C ARG A 8 -10.41 -0.11 1.83
N PRO A 9 -9.45 0.70 2.30
CA PRO A 9 -9.71 2.11 2.59
C PRO A 9 -9.88 3.00 1.34
N LEU A 10 -11.07 2.92 0.74
CA LEU A 10 -11.39 3.70 -0.45
C LEU A 10 -12.06 4.99 -0.05
N VAL A 11 -11.64 6.12 -0.66
CA VAL A 11 -12.22 7.44 -0.37
C VAL A 11 -12.53 8.16 -1.68
N THR A 12 -13.44 9.15 -1.63
CA THR A 12 -13.67 10.07 -2.76
C THR A 12 -12.68 11.20 -2.68
N VAL A 13 -12.09 11.51 -3.82
CA VAL A 13 -11.03 12.48 -3.92
C VAL A 13 -11.49 13.43 -5.04
N LYS A 14 -11.19 14.72 -4.91
CA LYS A 14 -11.44 15.67 -5.99
C LYS A 14 -10.09 16.00 -6.65
N ILE A 15 -10.01 15.75 -7.96
CA ILE A 15 -8.75 15.92 -8.72
C ILE A 15 -9.08 16.25 -10.18
N GLY A 16 -8.41 17.26 -10.72
CA GLY A 16 -8.64 17.73 -12.10
C GLY A 16 -10.09 18.07 -12.39
N GLY A 17 -10.80 18.61 -11.39
CA GLY A 17 -12.22 18.95 -11.53
C GLY A 17 -13.20 17.77 -11.51
N GLN A 18 -12.67 16.55 -11.31
CA GLN A 18 -13.48 15.33 -11.23
C GLN A 18 -13.51 14.75 -9.82
N LEU A 19 -14.56 13.98 -9.55
CA LEU A 19 -14.67 13.18 -8.35
C LEU A 19 -14.33 11.77 -8.71
N LYS A 20 -13.43 11.18 -7.92
CA LYS A 20 -12.94 9.83 -8.21
C LYS A 20 -12.75 9.08 -6.90
N GLU A 21 -12.90 7.75 -6.95
CA GLU A 21 -12.54 6.82 -5.85
C GLU A 21 -11.06 6.45 -5.91
N ALA A 22 -10.40 6.46 -4.75
CA ALA A 22 -8.99 6.19 -4.69
C ALA A 22 -8.69 5.43 -3.39
N LEU A 23 -7.66 4.60 -3.44
CA LEU A 23 -7.25 3.75 -2.32
C LEU A 23 -6.17 4.47 -1.51
N LEU A 24 -6.33 4.57 -0.19
CA LEU A 24 -5.29 5.10 0.69
C LEU A 24 -4.23 4.07 0.99
N ASP A 25 -3.03 4.29 0.45
CA ASP A 25 -1.99 3.24 0.39
C ASP A 25 -0.72 3.68 1.09
N THR A 26 -0.55 3.30 2.36
CA THR A 26 0.65 3.72 3.11
C THR A 26 1.94 3.12 2.51
N GLY A 27 1.83 2.03 1.78
CA GLY A 27 3.03 1.42 1.20
C GLY A 27 3.51 2.02 -0.12
N ALA A 28 2.66 2.83 -0.77
CA ALA A 28 3.01 3.53 -1.99
C ALA A 28 3.85 4.78 -1.74
N ASP A 29 5.04 4.86 -2.35
CA ASP A 29 5.82 6.08 -2.27
C ASP A 29 5.01 7.23 -2.93
N ASP A 30 4.36 6.90 -4.04
CA ASP A 30 3.72 7.91 -4.90
C ASP A 30 2.26 7.66 -5.20
N THR A 31 1.64 8.64 -5.84
CA THR A 31 0.21 8.64 -6.16
C THR A 31 0.04 8.38 -7.66
N ILE A 32 -0.76 7.38 -8.02
CA ILE A 32 -0.98 6.94 -9.41
C ILE A 32 -2.46 6.83 -9.65
N PHE A 33 -2.89 7.49 -10.72
CA PHE A 33 -4.26 7.45 -11.21
C PHE A 33 -4.31 6.71 -12.56
N GLU A 34 -5.38 5.96 -12.80
CA GLU A 34 -5.67 5.43 -14.12
C GLU A 34 -5.80 6.60 -15.10
N GLU A 35 -5.73 6.29 -16.38
CA GLU A 35 -5.75 7.30 -17.43
C GLU A 35 -6.77 8.38 -17.15
N MET A 36 -6.28 9.62 -17.17
CA MET A 36 -7.11 10.79 -17.00
C MET A 36 -6.33 11.98 -17.52
N SER A 37 -7.05 13.04 -17.77
CA SER A 37 -6.48 14.28 -18.21
C SER A 37 -6.06 15.15 -17.01
N LEU A 38 -4.85 15.70 -17.08
CA LEU A 38 -4.37 16.64 -16.08
C LEU A 38 -3.73 17.83 -16.81
N PRO A 39 -3.70 19.01 -16.17
CA PRO A 39 -3.11 20.20 -16.77
C PRO A 39 -1.58 20.25 -16.63
N GLY A 40 -0.94 21.02 -17.51
CA GLY A 40 0.49 21.31 -17.39
C GLY A 40 1.42 20.32 -18.07
N ARG A 41 2.72 20.51 -17.82
CA ARG A 41 3.80 19.70 -18.37
C ARG A 41 3.93 18.33 -17.65
N TRP A 42 4.44 17.34 -18.39
CA TRP A 42 4.67 16.01 -17.81
C TRP A 42 5.90 15.38 -18.45
N LYS A 43 6.48 14.38 -17.76
CA LYS A 43 7.55 13.55 -18.29
C LYS A 43 7.26 12.05 -18.06
N PRO A 44 7.73 11.20 -18.98
CA PRO A 44 7.55 9.77 -18.82
C PRO A 44 8.53 9.23 -17.77
N ILE A 45 8.06 8.38 -16.85
CA ILE A 45 8.93 7.69 -15.85
C ILE A 45 8.45 6.23 -15.70
N MET A 46 9.17 5.44 -14.92
CA MET A 46 8.85 4.02 -14.74
C MET A 46 8.75 3.80 -13.23
N ILE A 47 7.63 3.25 -12.75
CA ILE A 47 7.51 2.91 -11.33
C ILE A 47 7.22 1.43 -11.16
N GLY A 48 7.68 0.85 -10.06
CA GLY A 48 7.54 -0.56 -9.86
C GLY A 48 6.80 -0.86 -8.59
N GLY A 49 6.18 -2.03 -8.56
CA GLY A 49 5.51 -2.54 -7.35
C GLY A 49 5.33 -4.02 -7.51
N ILE A 50 4.30 -4.59 -6.88
CA ILE A 50 4.03 -6.00 -7.08
C ILE A 50 3.67 -6.20 -8.54
N GLY A 51 4.26 -7.24 -9.11
CA GLY A 51 4.08 -7.55 -10.51
C GLY A 51 5.01 -6.83 -11.45
N GLY A 52 5.93 -6.02 -10.93
CA GLY A 52 6.93 -5.33 -11.79
C GLY A 52 6.65 -3.86 -12.08
N PHE A 53 7.11 -3.40 -13.26
CA PHE A 53 7.11 -1.98 -13.63
C PHE A 53 6.10 -1.56 -14.70
N ILE A 54 5.65 -0.31 -14.60
CA ILE A 54 4.74 0.32 -15.56
C ILE A 54 5.25 1.73 -15.87
N LYS A 55 5.02 2.16 -17.10
CA LYS A 55 5.43 3.50 -17.50
C LYS A 55 4.24 4.43 -17.29
N VAL A 56 4.53 5.59 -16.72
CA VAL A 56 3.51 6.51 -16.25
C VAL A 56 3.95 7.93 -16.60
N ARG A 57 2.98 8.84 -16.65
CA ARG A 57 3.26 10.25 -16.89
C ARG A 57 3.27 10.98 -15.55
N GLN A 58 4.38 11.67 -15.27
CA GLN A 58 4.53 12.46 -14.07
C GLN A 58 4.09 13.90 -14.27
N TYR A 59 3.05 14.30 -13.52
CA TYR A 59 2.58 15.69 -13.48
C TYR A 59 2.90 16.29 -12.09
N ASP A 60 3.48 17.50 -12.08
CA ASP A 60 3.81 18.10 -10.81
C ASP A 60 2.84 19.21 -10.42
N GLN A 61 2.84 19.51 -9.12
CA GLN A 61 2.06 20.60 -8.52
C GLN A 61 0.58 20.47 -8.87
N ILE A 62 0.04 19.29 -8.61
CA ILE A 62 -1.37 18.99 -8.86
C ILE A 62 -2.18 19.14 -7.56
N LEU A 63 -3.29 19.89 -7.63
CA LEU A 63 -4.18 20.06 -6.48
C LEU A 63 -5.07 18.82 -6.26
N ILE A 64 -5.18 18.36 -5.01
CA ILE A 64 -6.10 17.30 -4.64
C ILE A 64 -6.89 17.71 -3.41
N GLU A 65 -8.06 17.10 -3.21
CA GLU A 65 -8.78 17.23 -1.96
C GLU A 65 -9.36 15.89 -1.54
N ILE A 66 -9.00 15.47 -0.32
CA ILE A 66 -9.44 14.19 0.25
C ILE A 66 -10.17 14.47 1.56
N CYS A 67 -11.47 14.16 1.60
CA CYS A 67 -12.33 14.36 2.80
C CYS A 67 -12.16 15.74 3.41
N GLY A 68 -12.21 16.77 2.58
CA GLY A 68 -12.13 18.13 3.07
C GLY A 68 -10.71 18.64 3.22
N HIS A 69 -9.72 17.74 3.14
CA HIS A 69 -8.32 18.18 3.23
C HIS A 69 -7.69 18.47 1.85
N LYS A 70 -7.25 19.70 1.65
CA LYS A 70 -6.60 20.08 0.41
C LYS A 70 -5.07 19.79 0.50
N ALA A 71 -4.48 19.38 -0.63
CA ALA A 71 -3.02 19.19 -0.75
C ALA A 71 -2.56 19.44 -2.17
N ILE A 72 -1.26 19.52 -2.35
CA ILE A 72 -0.67 19.69 -3.65
C ILE A 72 0.54 18.78 -3.70
N GLY A 73 0.76 18.17 -4.87
CA GLY A 73 1.95 17.32 -5.04
C GLY A 73 1.99 16.69 -6.41
N THR A 74 2.93 15.77 -6.56
CA THR A 74 3.10 15.04 -7.82
C THR A 74 2.03 13.97 -7.94
N VAL A 75 1.43 13.91 -9.12
CA VAL A 75 0.46 12.86 -9.48
C VAL A 75 0.88 12.15 -10.76
N LEU A 76 0.96 10.82 -10.67
CA LEU A 76 1.30 9.99 -11.84
C LEU A 76 0.06 9.44 -12.53
N VAL A 77 0.18 9.21 -13.83
CA VAL A 77 -0.95 8.75 -14.65
C VAL A 77 -0.47 7.62 -15.56
N GLY A 78 -1.22 6.51 -15.53
CA GLY A 78 -0.90 5.34 -16.33
C GLY A 78 -1.69 4.09 -15.98
N PRO A 79 -1.22 2.92 -16.42
CA PRO A 79 -2.04 1.70 -16.35
C PRO A 79 -2.08 0.98 -14.99
N THR A 80 -2.33 1.73 -13.90
CA THR A 80 -2.54 1.13 -12.58
C THR A 80 -3.93 0.42 -12.52
N PRO A 81 -4.05 -0.68 -11.77
CA PRO A 81 -5.34 -1.40 -11.68
C PRO A 81 -6.48 -0.59 -11.02
N LEU A 82 -6.10 0.46 -10.28
CA LEU A 82 -7.02 1.37 -9.59
C LEU A 82 -6.24 2.65 -9.14
N ASN A 83 -6.97 3.74 -8.85
CA ASN A 83 -6.36 4.97 -8.33
C ASN A 83 -5.85 4.73 -6.90
N VAL A 84 -4.64 5.19 -6.63
CA VAL A 84 -3.99 4.95 -5.33
C VAL A 84 -3.43 6.27 -4.83
N ILE A 85 -3.71 6.66 -3.58
CA ILE A 85 -3.09 7.84 -2.98
C ILE A 85 -1.88 7.35 -2.17
N GLY A 86 -0.67 7.78 -2.58
CA GLY A 86 0.58 7.39 -1.90
C GLY A 86 1.06 8.36 -0.86
N ARG A 87 2.15 8.02 -0.18
CA ARG A 87 2.65 8.87 0.91
C ARG A 87 2.95 10.33 0.56
N ASN A 88 3.42 10.64 -0.66
CA ASN A 88 3.71 12.03 -1.02
C ASN A 88 2.51 12.96 -0.75
N LEU A 89 1.30 12.38 -0.78
CA LEU A 89 0.06 13.14 -0.56
C LEU A 89 -0.61 12.85 0.80
N LEU A 90 -0.52 11.60 1.28
CA LEU A 90 -1.01 11.23 2.61
C LEU A 90 -0.39 12.07 3.76
N THR A 91 0.90 12.41 3.67
CA THR A 91 1.53 13.29 4.67
C THR A 91 0.83 14.64 4.75
N GLN A 92 0.45 15.17 3.59
CA GLN A 92 -0.04 16.53 3.49
C GLN A 92 -1.41 16.70 4.10
N ILE A 93 -2.23 15.66 4.05
CA ILE A 93 -3.52 15.66 4.74
C ILE A 93 -3.38 15.23 6.22
N GLY A 94 -2.16 14.97 6.64
CA GLY A 94 -1.93 14.61 8.03
C GLY A 94 -2.33 13.20 8.36
N CYS A 95 -2.26 12.30 7.39
CA CYS A 95 -2.58 10.89 7.61
C CYS A 95 -1.49 10.10 8.35
N THR A 96 -1.85 9.43 9.45
CA THR A 96 -0.96 8.51 10.13
C THR A 96 -1.55 7.11 10.28
N LEU A 97 -0.68 6.14 10.55
CA LEU A 97 -1.08 4.79 11.00
C LEU A 97 -1.02 4.73 12.49
N ASN A 98 -2.07 4.20 13.12
CA ASN A 98 -2.09 4.09 14.58
C ASN A 98 -2.54 2.74 15.08
N PHE A 99 -1.86 2.24 16.12
CA PHE A 99 -2.16 0.96 16.73
C PHE A 99 -1.53 0.87 18.12
N PRO B 1 1.67 2.69 18.83
CA PRO B 1 2.43 3.75 18.19
C PRO B 1 1.61 4.58 17.19
N GLN B 2 2.09 5.78 16.91
CA GLN B 2 1.55 6.57 15.78
C GLN B 2 2.68 6.67 14.77
N ILE B 3 2.44 6.23 13.52
CA ILE B 3 3.49 6.21 12.49
C ILE B 3 3.13 7.20 11.39
N THR B 4 4.00 8.19 11.17
CA THR B 4 3.77 9.19 10.13
C THR B 4 4.34 8.67 8.82
N LEU B 5 4.07 9.38 7.73
CA LEU B 5 4.36 8.79 6.43
C LEU B 5 5.42 9.53 5.60
N TRP B 6 6.30 10.28 6.27
CA TRP B 6 7.28 11.11 5.58
C TRP B 6 8.36 10.17 5.05
N LYS B 7 8.55 9.03 5.75
CA LYS B 7 9.42 7.92 5.32
C LYS B 7 8.55 6.66 5.05
N ARG B 8 9.07 5.69 4.32
CA ARG B 8 8.36 4.38 4.20
C ARG B 8 8.13 3.76 5.58
N PRO B 9 6.90 3.29 5.85
CA PRO B 9 6.56 2.66 7.11
C PRO B 9 7.12 1.25 7.24
N LEU B 10 8.46 1.15 7.29
CA LEU B 10 9.16 -0.13 7.36
C LEU B 10 9.33 -0.43 8.83
N VAL B 11 8.94 -1.63 9.25
CA VAL B 11 9.17 -2.03 10.62
C VAL B 11 9.93 -3.36 10.70
N THR B 12 10.52 -3.66 11.85
CA THR B 12 11.08 -4.98 12.07
C THR B 12 9.98 -5.94 12.46
N VAL B 13 10.03 -7.14 11.92
CA VAL B 13 9.06 -8.15 12.20
C VAL B 13 9.80 -9.45 12.61
N LYS B 14 9.17 -10.33 13.37
CA LYS B 14 9.77 -11.63 13.66
C LYS B 14 8.90 -12.76 13.11
N ILE B 15 9.46 -13.56 12.22
CA ILE B 15 8.71 -14.62 11.53
C ILE B 15 9.66 -15.79 11.42
N GLY B 16 9.19 -16.98 11.75
CA GLY B 16 10.07 -18.14 11.82
C GLY B 16 11.29 -17.93 12.71
N GLY B 17 11.14 -17.19 13.80
CA GLY B 17 12.28 -16.99 14.73
C GLY B 17 13.35 -16.04 14.18
N GLN B 18 13.08 -15.39 13.04
CA GLN B 18 14.06 -14.50 12.44
C GLN B 18 13.55 -13.07 12.32
N LEU B 19 14.47 -12.13 12.34
CA LEU B 19 14.13 -10.73 12.23
C LEU B 19 14.15 -10.36 10.77
N LYS B 20 13.09 -9.68 10.31
CA LYS B 20 13.04 -9.17 8.94
C LYS B 20 12.39 -7.80 8.90
N GLU B 21 12.67 -7.05 7.84
CA GLU B 21 12.04 -5.76 7.59
C GLU B 21 10.79 -5.96 6.75
N ALA B 22 9.71 -5.26 7.08
CA ALA B 22 8.48 -5.31 6.29
C ALA B 22 7.76 -3.96 6.25
N LEU B 23 7.08 -3.72 5.14
CA LEU B 23 6.36 -2.48 4.93
C LEU B 23 4.93 -2.57 5.44
N LEU B 24 4.50 -1.61 6.28
CA LEU B 24 3.07 -1.50 6.63
C LEU B 24 2.24 -0.88 5.48
N ASP B 25 1.37 -1.66 4.84
CA ASP B 25 0.77 -1.27 3.54
C ASP B 25 -0.77 -1.42 3.56
N THR B 26 -1.47 -0.31 3.78
CA THR B 26 -2.93 -0.36 3.88
C THR B 26 -3.55 -0.61 2.49
N GLY B 27 -2.78 -0.37 1.42
CA GLY B 27 -3.17 -0.73 0.05
C GLY B 27 -3.15 -2.22 -0.34
N ALA B 28 -2.63 -3.07 0.55
CA ALA B 28 -2.51 -4.51 0.29
C ALA B 28 -3.59 -5.27 1.08
N ASP B 29 -4.40 -6.08 0.40
CA ASP B 29 -5.38 -6.91 1.13
C ASP B 29 -4.64 -7.93 2.01
N ASP B 30 -3.50 -8.40 1.50
CA ASP B 30 -2.80 -9.59 1.97
C ASP B 30 -1.37 -9.28 2.28
N THR B 31 -0.76 -10.21 3.02
CA THR B 31 0.60 -10.12 3.51
C THR B 31 1.50 -11.01 2.62
N ILE B 32 2.55 -10.43 2.03
CA ILE B 32 3.45 -11.19 1.16
C ILE B 32 4.91 -10.98 1.49
N PHE B 33 5.64 -12.09 1.54
CA PHE B 33 7.07 -12.11 1.90
C PHE B 33 7.88 -12.72 0.75
N GLU B 34 9.08 -12.20 0.56
CA GLU B 34 10.06 -12.76 -0.37
C GLU B 34 10.30 -14.24 -0.02
N GLU B 35 10.77 -15.00 -1.01
CA GLU B 35 11.03 -16.42 -0.84
C GLU B 35 11.67 -16.76 0.52
N MET B 36 11.03 -17.71 1.24
CA MET B 36 11.47 -18.19 2.57
C MET B 36 10.76 -19.54 2.88
N SER B 37 11.18 -20.25 3.93
CA SER B 37 10.53 -21.52 4.35
C SER B 37 9.46 -21.18 5.36
N LEU B 38 8.28 -21.75 5.15
CA LEU B 38 7.24 -21.70 6.14
C LEU B 38 6.73 -23.12 6.34
N PRO B 39 6.25 -23.42 7.55
CA PRO B 39 5.80 -24.78 7.84
C PRO B 39 4.46 -25.07 7.16
N GLY B 40 4.23 -26.35 6.89
CA GLY B 40 2.87 -26.83 6.61
C GLY B 40 2.61 -26.96 5.12
N ARG B 41 1.35 -27.20 4.77
CA ARG B 41 0.97 -27.26 3.35
C ARG B 41 0.66 -25.86 2.83
N TRP B 42 0.72 -25.67 1.51
CA TRP B 42 0.40 -24.39 0.88
C TRP B 42 -0.60 -24.59 -0.26
N LYS B 43 -1.25 -23.49 -0.67
CA LYS B 43 -2.27 -23.53 -1.73
C LYS B 43 -1.91 -22.44 -2.74
N PRO B 44 -2.40 -22.54 -3.98
CA PRO B 44 -2.02 -21.56 -4.99
C PRO B 44 -2.93 -20.34 -4.96
N ILE B 45 -2.32 -19.15 -5.12
CA ILE B 45 -3.05 -17.89 -5.13
C ILE B 45 -2.44 -16.96 -6.19
N MET B 46 -3.29 -16.25 -6.93
CA MET B 46 -2.84 -15.16 -7.80
C MET B 46 -3.34 -13.85 -7.23
N ILE B 47 -2.45 -12.86 -7.18
CA ILE B 47 -2.74 -11.53 -6.60
C ILE B 47 -2.27 -10.46 -7.58
N GLY B 48 -2.94 -9.30 -7.55
CA GLY B 48 -2.55 -8.15 -8.39
C GLY B 48 -1.81 -7.07 -7.60
N GLY B 49 -0.83 -6.44 -8.25
CA GLY B 49 -0.08 -5.31 -7.68
C GLY B 49 -0.20 -4.19 -8.69
N ILE B 50 0.47 -3.06 -8.46
CA ILE B 50 0.36 -2.01 -9.47
C ILE B 50 1.09 -2.38 -10.78
N GLY B 51 1.99 -3.36 -10.71
CA GLY B 51 2.72 -3.79 -11.90
C GLY B 51 2.10 -4.92 -12.69
N GLY B 52 1.12 -5.58 -12.11
CA GLY B 52 0.45 -6.71 -12.76
C GLY B 52 0.25 -7.85 -11.77
N PHE B 53 0.04 -9.05 -12.29
CA PHE B 53 -0.28 -10.20 -11.45
C PHE B 53 0.91 -11.14 -11.20
N ILE B 54 0.99 -11.69 -9.98
CA ILE B 54 2.00 -12.70 -9.66
C ILE B 54 1.34 -13.95 -9.01
N LYS B 55 1.96 -15.11 -9.19
CA LYS B 55 1.49 -16.34 -8.51
C LYS B 55 2.30 -16.52 -7.25
N VAL B 56 1.63 -16.90 -6.16
CA VAL B 56 2.26 -17.00 -4.85
C VAL B 56 1.83 -18.28 -4.13
N ARG B 57 2.54 -18.62 -3.05
CA ARG B 57 2.20 -19.76 -2.22
C ARG B 57 1.54 -19.28 -0.93
N GLN B 58 0.39 -19.88 -0.57
CA GLN B 58 -0.40 -19.39 0.55
C GLN B 58 -0.31 -20.32 1.75
N TYR B 59 0.30 -19.84 2.82
CA TYR B 59 0.46 -20.56 4.10
C TYR B 59 -0.56 -19.96 5.12
N ASP B 60 -1.21 -20.81 5.91
CA ASP B 60 -2.23 -20.35 6.89
C ASP B 60 -1.72 -20.51 8.32
N GLN B 61 -2.24 -19.68 9.21
CA GLN B 61 -1.91 -19.72 10.64
C GLN B 61 -0.42 -19.63 10.93
N ILE B 62 0.21 -18.65 10.29
CA ILE B 62 1.62 -18.39 10.52
C ILE B 62 1.78 -17.34 11.64
N LEU B 63 2.57 -17.65 12.68
CA LEU B 63 2.85 -16.66 13.73
C LEU B 63 3.83 -15.58 13.21
N ILE B 64 3.45 -14.32 13.41
CA ILE B 64 4.34 -13.21 13.10
C ILE B 64 4.20 -12.10 14.15
N GLU B 65 5.34 -11.60 14.64
CA GLU B 65 5.37 -10.52 15.60
C GLU B 65 5.67 -9.22 14.86
N ILE B 66 4.75 -8.26 14.94
CA ILE B 66 4.87 -7.05 14.13
C ILE B 66 5.02 -5.87 15.04
N CYS B 67 6.22 -5.32 15.06
CA CYS B 67 6.51 -4.17 15.88
C CYS B 67 6.09 -4.49 17.32
N GLY B 68 6.49 -5.69 17.79
CA GLY B 68 6.10 -6.17 19.12
C GLY B 68 4.69 -6.70 19.37
N HIS B 69 3.80 -6.62 18.36
CA HIS B 69 2.42 -7.18 18.46
C HIS B 69 2.32 -8.53 17.74
N LYS B 70 1.68 -9.51 18.38
CA LYS B 70 1.53 -10.84 17.81
C LYS B 70 0.35 -10.95 16.86
N ALA B 71 0.58 -11.58 15.71
CA ALA B 71 -0.46 -11.86 14.75
C ALA B 71 -0.28 -13.31 14.34
N ILE B 72 -1.38 -13.96 13.98
CA ILE B 72 -1.31 -15.37 13.51
C ILE B 72 -2.30 -15.42 12.36
N GLY B 73 -1.78 -15.53 11.16
CA GLY B 73 -2.65 -15.49 10.00
C GLY B 73 -1.99 -15.97 8.73
N THR B 74 -2.61 -15.59 7.62
CA THR B 74 -2.23 -16.00 6.30
C THR B 74 -1.03 -15.19 5.80
N VAL B 75 -0.01 -15.90 5.32
CA VAL B 75 1.20 -15.31 4.75
C VAL B 75 1.42 -15.92 3.37
N LEU B 76 1.51 -15.05 2.37
CA LEU B 76 1.80 -15.46 1.01
C LEU B 76 3.29 -15.33 0.77
N VAL B 77 3.84 -16.25 -0.05
CA VAL B 77 5.24 -16.21 -0.42
C VAL B 77 5.39 -16.22 -1.94
N GLY B 78 6.16 -15.27 -2.46
CA GLY B 78 6.32 -15.08 -3.90
C GLY B 78 7.22 -13.93 -4.27
N PRO B 79 7.34 -13.67 -5.58
CA PRO B 79 8.20 -12.58 -6.09
C PRO B 79 7.66 -11.18 -5.73
N THR B 80 8.23 -10.51 -4.74
CA THR B 80 7.75 -9.19 -4.33
C THR B 80 8.95 -8.25 -4.20
N PRO B 81 8.81 -6.95 -4.49
CA PRO B 81 9.92 -6.00 -4.28
C PRO B 81 10.48 -5.98 -2.84
N LEU B 82 9.67 -6.36 -1.85
CA LEU B 82 10.02 -6.35 -0.41
C LEU B 82 8.89 -7.04 0.38
N ASN B 83 9.11 -7.33 1.68
CA ASN B 83 8.05 -7.90 2.51
C ASN B 83 7.02 -6.84 2.82
N VAL B 84 5.77 -7.24 2.70
CA VAL B 84 4.63 -6.36 2.83
C VAL B 84 3.62 -6.93 3.85
N ILE B 85 3.28 -6.14 4.88
CA ILE B 85 2.24 -6.52 5.84
C ILE B 85 0.96 -5.89 5.32
N GLY B 86 -0.02 -6.71 4.96
CA GLY B 86 -1.29 -6.19 4.43
C GLY B 86 -2.36 -6.13 5.51
N ARG B 87 -3.58 -5.75 5.09
CA ARG B 87 -4.69 -5.52 6.01
C ARG B 87 -5.08 -6.74 6.84
N ASN B 88 -4.83 -7.95 6.33
CA ASN B 88 -5.26 -9.14 7.05
C ASN B 88 -4.56 -9.23 8.41
N LEU B 89 -3.34 -8.69 8.50
CA LEU B 89 -2.58 -8.68 9.78
C LEU B 89 -2.56 -7.31 10.44
N LEU B 90 -2.59 -6.24 9.61
CA LEU B 90 -2.78 -4.87 10.12
C LEU B 90 -4.02 -4.79 11.03
N THR B 91 -5.11 -5.43 10.62
CA THR B 91 -6.32 -5.47 11.46
C THR B 91 -6.10 -6.25 12.77
N GLN B 92 -5.37 -7.37 12.72
CA GLN B 92 -5.08 -8.16 13.94
C GLN B 92 -4.32 -7.40 15.01
N ILE B 93 -3.45 -6.49 14.60
CA ILE B 93 -2.67 -5.70 15.58
C ILE B 93 -3.38 -4.39 16.00
N GLY B 94 -4.56 -4.14 15.43
CA GLY B 94 -5.39 -2.99 15.83
C GLY B 94 -5.13 -1.70 15.10
N CYS B 95 -4.60 -1.79 13.89
CA CYS B 95 -4.13 -0.63 13.15
C CYS B 95 -5.32 0.07 12.49
N THR B 96 -5.36 1.41 12.59
CA THR B 96 -6.29 2.26 11.82
C THR B 96 -5.52 3.37 11.12
N LEU B 97 -6.16 3.94 10.10
CA LEU B 97 -5.74 5.19 9.47
C LEU B 97 -6.47 6.38 10.10
N ASN B 98 -5.73 7.44 10.38
CA ASN B 98 -6.25 8.61 11.04
C ASN B 98 -5.83 9.93 10.35
N PHE B 99 -6.78 10.83 10.15
CA PHE B 99 -6.43 12.18 9.69
C PHE B 99 -7.57 13.16 9.95
O1 TPV C . 0.27 -3.45 -4.94
C2 TPV C . 1.50 -2.73 -5.06
C3 TPV C . 1.90 -1.77 -4.02
C4 TPV C . 0.99 -1.49 -3.04
C5 TPV C . -0.40 -2.08 -3.03
C6 TPV C . -0.53 -3.45 -3.74
O7 TPV C . 2.14 -3.00 -6.07
O8 TPV C . 1.22 -0.61 -2.08
C9 TPV C . -0.04 -4.55 -2.78
C10 TPV C . 0.18 -5.93 -3.42
C11 TPV C . 0.68 -6.87 -2.33
C12 TPV C . -1.96 -3.74 -4.18
C13 TPV C . -2.48 -2.83 -5.30
C14 TPV C . -3.91 -3.21 -5.65
C15 TPV C . -4.18 -3.86 -6.86
C16 TPV C . -5.49 -4.22 -7.21
C17 TPV C . -6.52 -3.95 -6.31
C18 TPV C . -6.27 -3.30 -5.08
C19 TPV C . -4.96 -2.93 -4.76
C20 TPV C . 3.26 -1.09 -4.19
C21 TPV C . 4.05 -0.88 -2.87
C22 TPV C . 4.44 -2.17 -2.16
C23 TPV C . 3.12 0.21 -4.90
C24 TPV C . 1.91 0.95 -4.92
C25 TPV C . 1.83 2.17 -5.61
C26 TPV C . 2.95 2.67 -6.28
C27 TPV C . 4.17 1.96 -6.28
N28 TPV C . 5.27 2.43 -6.95
C29 TPV C . 4.22 0.75 -5.60
S30 TPV C . 6.33 3.44 -6.27
O31 TPV C . 5.58 4.57 -5.76
O32 TPV C . 7.37 3.84 -7.17
C33 TPV C . 6.98 2.55 -5.07
N34 TPV C . 6.38 2.53 -3.85
C35 TPV C . 6.82 1.74 -2.84
C36 TPV C . 7.96 0.91 -2.99
C37 TPV C . 8.61 0.92 -4.24
C38 TPV C . 8.13 1.74 -5.28
C39 TPV C . 8.43 0.01 -1.89
F40 TPV C . 8.34 0.50 -0.66
F41 TPV C . 9.61 -0.48 -2.17
F42 TPV C . 7.64 -1.06 -1.92
C1 GOL D . -5.43 -7.57 -5.60
O1 GOL D . -5.37 -8.78 -6.33
C2 GOL D . -4.79 -7.70 -4.23
O2 GOL D . -3.41 -8.10 -4.26
C3 GOL D . -4.87 -6.33 -3.57
O3 GOL D . -4.04 -6.39 -2.40
#